data_6Q0G
#
_entry.id   6Q0G
#
_cell.length_a   61.730
_cell.length_b   71.770
_cell.length_c   112.320
_cell.angle_alpha   90.000
_cell.angle_beta   90.000
_cell.angle_gamma   90.000
#
_symmetry.space_group_name_H-M   'I 21 21 21'
#
loop_
_entity.id
_entity.type
_entity.pdbx_description
1 polymer 'Putative methyl-accepting chemotaxis protein'
2 non-polymer PROLINE
3 non-polymer 'CHLORIDE ION'
4 water water
#
_entity_poly.entity_id   1
_entity_poly.type   'polypeptide(L)'
_entity_poly.pdbx_seq_one_letter_code
;GIDPFTQRNAIREDLDNYLNEMGEVTADNIQTWLSGRILLIENAAQNIAINPEPAAVASLLEQKALTSTFMASYLGDATG
HFTIRPDAKMPDGFDPRVRPWYKGAESSSTSTLTEPYIDAATGQTIISIATAAKKAGQSVGVVGGDLSLQTLINTLSARD
FSGMGYAFLVSADGKILVHPDKALVMKSLKEAYPQDTPRISSDFSEVTVDGKTRIVNFTPIKGLPSVNWYIGLSVDKDKA
FSMLSEFRTS
;
_entity_poly.pdbx_strand_id   A
#
loop_
_chem_comp.id
_chem_comp.type
_chem_comp.name
_chem_comp.formula
CL non-polymer 'CHLORIDE ION' 'Cl -1'
#
# COMPACT_ATOMS: atom_id res chain seq x y z
N ARG A 12 26.93 19.22 -7.58
CA ARG A 12 25.57 19.27 -7.06
C ARG A 12 24.56 18.99 -8.16
N GLU A 13 24.76 19.66 -9.31
CA GLU A 13 23.97 19.31 -10.49
C GLU A 13 24.09 17.84 -10.80
N ASP A 14 25.27 17.27 -10.54
CA ASP A 14 25.49 15.86 -10.83
C ASP A 14 24.78 14.97 -9.82
N LEU A 15 24.86 15.31 -8.53
CA LEU A 15 24.17 14.48 -7.57
C LEU A 15 22.66 14.59 -7.74
N ASP A 16 22.17 15.81 -7.98
CA ASP A 16 20.74 16.00 -8.17
C ASP A 16 20.24 15.19 -9.36
N ASN A 17 20.99 15.22 -10.47
CA ASN A 17 20.57 14.45 -11.64
C ASN A 17 20.51 12.96 -11.33
N TYR A 18 21.42 12.47 -10.50
CA TYR A 18 21.44 11.04 -10.20
C TYR A 18 20.32 10.66 -9.22
N LEU A 19 20.16 11.42 -8.13
CA LEU A 19 19.08 11.13 -7.21
C LEU A 19 17.74 11.19 -7.93
N ASN A 20 17.57 12.15 -8.84
CA ASN A 20 16.35 12.22 -9.61
C ASN A 20 16.16 10.97 -10.45
N GLU A 21 17.22 10.55 -11.13
CA GLU A 21 17.12 9.37 -11.97
C GLU A 21 16.88 8.12 -11.12
N MET A 22 17.52 8.02 -9.96
CA MET A 22 17.32 6.85 -9.12
C MET A 22 15.90 6.84 -8.56
N GLY A 23 15.41 8.00 -8.12
CA GLY A 23 14.04 8.12 -7.68
C GLY A 23 13.03 7.67 -8.73
N GLU A 24 13.25 8.07 -9.99
CA GLU A 24 12.32 7.67 -11.06
C GLU A 24 12.35 6.17 -11.29
N VAL A 25 13.54 5.59 -11.28
CA VAL A 25 13.67 4.14 -11.40
C VAL A 25 12.92 3.44 -10.28
N THR A 26 13.26 3.80 -9.03
CA THR A 26 12.65 3.12 -7.89
C THR A 26 11.15 3.27 -7.95
N ALA A 27 10.69 4.46 -8.37
CA ALA A 27 9.27 4.73 -8.37
C ALA A 27 8.55 3.87 -9.38
N ASP A 28 9.08 3.82 -10.61
CA ASP A 28 8.48 2.97 -11.64
C ASP A 28 8.40 1.54 -11.18
N ASN A 29 9.47 1.01 -10.62
CA ASN A 29 9.47 -0.39 -10.25
C ASN A 29 8.43 -0.70 -9.17
N ILE A 30 8.36 0.10 -8.09
CA ILE A 30 7.35 -0.19 -7.07
C ILE A 30 5.95 -0.01 -7.65
N GLN A 31 5.78 0.97 -8.53
CA GLN A 31 4.51 1.03 -9.22
C GLN A 31 4.27 -0.27 -9.98
N THR A 32 5.30 -0.80 -10.62
CA THR A 32 5.03 -2.04 -11.35
C THR A 32 5.02 -3.27 -10.43
N TRP A 33 5.56 -3.18 -9.21
CA TRP A 33 5.31 -4.25 -8.24
C TRP A 33 3.86 -4.20 -7.77
N LEU A 34 3.38 -3.01 -7.42
CA LEU A 34 2.05 -2.85 -6.85
C LEU A 34 0.95 -3.17 -7.87
N SER A 35 1.14 -2.80 -9.13
CA SER A 35 0.02 -2.81 -10.04
C SER A 35 -0.33 -4.23 -10.47
N GLY A 36 0.64 -5.16 -10.43
CA GLY A 36 0.28 -6.55 -10.63
C GLY A 36 -0.59 -7.07 -9.50
N ARG A 37 -0.25 -6.69 -8.25
CA ARG A 37 -1.02 -7.14 -7.10
C ARG A 37 -2.38 -6.47 -7.08
N ILE A 38 -2.46 -5.25 -7.60
CA ILE A 38 -3.74 -4.57 -7.73
C ILE A 38 -4.63 -5.28 -8.73
N LEU A 39 -4.03 -5.88 -9.77
CA LEU A 39 -4.81 -6.58 -10.76
C LEU A 39 -5.42 -7.84 -10.17
N LEU A 40 -4.65 -8.54 -9.33
CA LEU A 40 -5.16 -9.77 -8.76
C LEU A 40 -6.40 -9.49 -7.93
N ILE A 41 -6.40 -8.39 -7.15
CA ILE A 41 -7.55 -8.03 -6.31
C ILE A 41 -8.72 -7.61 -7.19
N GLU A 42 -8.45 -6.81 -8.21
CA GLU A 42 -9.53 -6.42 -9.10
C GLU A 42 -10.15 -7.63 -9.76
N ASN A 43 -9.31 -8.56 -10.24
CA ASN A 43 -9.83 -9.81 -10.81
C ASN A 43 -10.60 -10.59 -9.77
N ALA A 44 -10.12 -10.61 -8.52
CA ALA A 44 -10.87 -11.27 -7.46
C ALA A 44 -12.24 -10.66 -7.31
N ALA A 45 -12.28 -9.32 -7.20
CA ALA A 45 -13.57 -8.63 -7.11
C ALA A 45 -14.47 -8.90 -8.31
N GLN A 46 -13.92 -8.89 -9.52
CA GLN A 46 -14.72 -9.18 -10.70
C GLN A 46 -15.30 -10.60 -10.66
N ASN A 47 -14.51 -11.57 -10.20
CA ASN A 47 -14.96 -12.94 -10.23
C ASN A 47 -16.01 -13.21 -9.15
N ILE A 48 -15.82 -12.60 -8.00
CA ILE A 48 -16.82 -12.66 -6.94
C ILE A 48 -18.13 -12.07 -7.43
N ALA A 49 -18.06 -10.96 -8.16
CA ALA A 49 -19.30 -10.38 -8.67
C ALA A 49 -20.02 -11.33 -9.62
N ILE A 50 -19.27 -12.22 -10.28
CA ILE A 50 -19.94 -13.30 -11.03
C ILE A 50 -20.82 -14.08 -10.07
N ASN A 51 -20.24 -14.71 -9.05
CA ASN A 51 -21.00 -15.59 -8.14
C ASN A 51 -20.70 -15.28 -6.68
N PRO A 52 -21.44 -14.39 -6.07
CA PRO A 52 -21.10 -13.97 -4.70
C PRO A 52 -21.66 -14.87 -3.61
N GLU A 53 -22.07 -16.09 -3.95
CA GLU A 53 -22.42 -17.05 -2.91
C GLU A 53 -21.18 -17.36 -2.09
N PRO A 54 -21.30 -17.49 -0.78
CA PRO A 54 -20.09 -17.54 0.04
C PRO A 54 -19.23 -18.77 -0.22
N ALA A 55 -19.83 -19.90 -0.61
CA ALA A 55 -19.04 -21.04 -1.03
C ALA A 55 -18.17 -20.69 -2.24
N ALA A 56 -18.78 -20.08 -3.26
CA ALA A 56 -17.99 -19.67 -4.43
C ALA A 56 -16.95 -18.63 -4.03
N VAL A 57 -17.34 -17.65 -3.24
CA VAL A 57 -16.37 -16.67 -2.73
C VAL A 57 -15.20 -17.35 -2.05
N ALA A 58 -15.49 -18.32 -1.16
CA ALA A 58 -14.40 -18.92 -0.39
C ALA A 58 -13.47 -19.73 -1.28
N SER A 59 -14.02 -20.45 -2.27
CA SER A 59 -13.14 -21.18 -3.18
C SER A 59 -12.29 -20.21 -4.02
N LEU A 60 -12.82 -19.05 -4.40
CA LEU A 60 -11.98 -18.07 -5.09
C LEU A 60 -10.81 -17.62 -4.21
N LEU A 61 -11.08 -17.28 -2.93
CA LEU A 61 -10.01 -16.67 -2.14
C LEU A 61 -8.95 -17.67 -1.74
N GLU A 62 -9.27 -18.95 -1.74
CA GLU A 62 -8.37 -20.03 -1.35
C GLU A 62 -7.34 -20.35 -2.44
N GLN A 63 -7.46 -19.76 -3.61
CA GLN A 63 -6.59 -20.11 -4.74
C GLN A 63 -5.17 -19.61 -4.52
N LYS A 64 -4.21 -20.42 -4.99
CA LYS A 64 -2.79 -20.18 -4.70
C LYS A 64 -2.26 -18.84 -5.21
N ALA A 65 -2.80 -18.33 -6.30
CA ALA A 65 -2.31 -17.05 -6.81
C ALA A 65 -2.54 -15.96 -5.77
N LEU A 66 -3.67 -16.03 -5.08
CA LEU A 66 -3.96 -15.08 -4.01
C LEU A 66 -3.25 -15.45 -2.72
N THR A 67 -3.31 -16.71 -2.29
CA THR A 67 -2.73 -16.98 -0.97
C THR A 67 -1.21 -16.87 -1.00
N SER A 68 -0.59 -17.07 -2.14
CA SER A 68 0.85 -16.92 -2.20
C SER A 68 1.27 -15.46 -2.30
N THR A 69 0.38 -14.58 -2.72
CA THR A 69 0.71 -13.18 -2.93
C THR A 69 0.42 -12.32 -1.70
N PHE A 70 -0.69 -12.57 -1.03
CA PHE A 70 -1.15 -11.76 0.10
C PHE A 70 -1.11 -12.54 1.40
N MET A 71 -1.01 -11.80 2.52
CA MET A 71 -1.20 -12.44 3.82
C MET A 71 -2.54 -13.16 3.87
N ALA A 72 -3.58 -12.50 3.40
CA ALA A 72 -4.91 -13.06 3.32
C ALA A 72 -5.66 -12.16 2.36
N SER A 73 -6.75 -12.68 1.82
CA SER A 73 -7.69 -11.87 1.06
C SER A 73 -9.07 -12.23 1.54
N TYR A 74 -10.03 -11.34 1.28
CA TYR A 74 -11.27 -11.45 2.00
C TYR A 74 -12.34 -10.63 1.29
N LEU A 75 -13.58 -10.90 1.68
CA LEU A 75 -14.74 -10.15 1.21
C LEU A 75 -15.56 -9.76 2.42
N GLY A 76 -15.92 -8.48 2.53
CA GLY A 76 -16.86 -8.03 3.53
C GLY A 76 -17.98 -7.32 2.82
N ASP A 77 -19.17 -7.33 3.42
CA ASP A 77 -20.27 -6.69 2.72
C ASP A 77 -21.10 -5.80 3.65
N ALA A 78 -22.14 -5.22 3.11
CA ALA A 78 -22.82 -4.13 3.82
C ALA A 78 -23.64 -4.63 5.00
N THR A 79 -23.84 -5.94 5.11
CA THR A 79 -24.45 -6.52 6.30
C THR A 79 -23.43 -6.86 7.37
N GLY A 80 -22.15 -6.68 7.10
CA GLY A 80 -21.12 -7.10 8.01
C GLY A 80 -20.58 -8.49 7.79
N HIS A 81 -21.13 -9.26 6.83
CA HIS A 81 -20.60 -10.60 6.60
C HIS A 81 -19.15 -10.50 6.14
N PHE A 82 -18.36 -11.50 6.51
CA PHE A 82 -16.91 -11.48 6.30
C PHE A 82 -16.45 -12.90 5.98
N THR A 83 -15.76 -13.06 4.85
CA THR A 83 -15.08 -14.30 4.52
C THR A 83 -13.61 -13.99 4.27
N ILE A 84 -12.74 -14.74 4.92
CA ILE A 84 -11.31 -14.51 4.80
C ILE A 84 -10.60 -15.82 4.54
N ARG A 85 -9.59 -15.78 3.66
CA ARG A 85 -8.77 -16.93 3.40
C ARG A 85 -7.31 -16.52 3.35
N PRO A 86 -6.43 -17.27 4.00
CA PRO A 86 -6.62 -18.45 4.87
C PRO A 86 -7.55 -18.14 6.02
N ASP A 87 -8.36 -19.07 6.48
CA ASP A 87 -9.34 -18.66 7.48
C ASP A 87 -8.66 -18.27 8.79
N ALA A 88 -9.38 -17.50 9.58
CA ALA A 88 -8.79 -16.91 10.78
C ALA A 88 -9.94 -16.48 11.67
N LYS A 89 -9.77 -16.69 12.97
CA LYS A 89 -10.70 -16.17 13.94
C LYS A 89 -10.51 -14.65 14.08
N MET A 90 -11.53 -13.91 13.78
CA MET A 90 -11.42 -12.47 13.93
C MET A 90 -11.84 -12.07 15.34
N PRO A 91 -11.31 -10.98 15.85
CA PRO A 91 -11.63 -10.56 17.23
C PRO A 91 -13.10 -10.30 17.39
N ASP A 92 -13.57 -10.44 18.63
CA ASP A 92 -14.99 -10.24 18.91
C ASP A 92 -15.39 -8.84 18.49
N GLY A 93 -16.55 -8.72 17.87
CA GLY A 93 -16.99 -7.43 17.42
C GLY A 93 -16.22 -6.86 16.24
N PHE A 94 -15.42 -7.66 15.54
CA PHE A 94 -14.80 -7.17 14.32
C PHE A 94 -15.89 -6.87 13.32
N ASP A 95 -15.83 -5.69 12.71
CA ASP A 95 -16.81 -5.32 11.68
C ASP A 95 -16.02 -4.87 10.45
N PRO A 96 -16.10 -5.59 9.32
CA PRO A 96 -15.33 -5.15 8.15
C PRO A 96 -15.69 -3.76 7.67
N ARG A 97 -16.94 -3.34 7.85
CA ARG A 97 -17.42 -2.07 7.32
C ARG A 97 -16.74 -0.87 7.92
N VAL A 98 -16.13 -0.99 9.10
CA VAL A 98 -15.48 0.15 9.73
C VAL A 98 -13.96 0.13 9.53
N ARG A 99 -13.43 -0.83 8.73
CA ARG A 99 -11.99 -0.97 8.50
C ARG A 99 -11.55 -0.07 7.34
N PRO A 100 -10.31 0.37 7.34
CA PRO A 100 -9.91 1.41 6.36
C PRO A 100 -9.98 0.93 4.92
N TRP A 101 -9.79 -0.36 4.67
CA TRP A 101 -9.87 -0.87 3.32
C TRP A 101 -11.30 -0.82 2.81
N TYR A 102 -12.27 -1.06 3.70
CA TYR A 102 -13.66 -1.05 3.27
C TYR A 102 -14.11 0.38 2.99
N LYS A 103 -13.90 1.27 3.96
CA LYS A 103 -14.30 2.64 3.78
C LYS A 103 -13.63 3.27 2.58
N GLY A 104 -12.36 2.93 2.32
CA GLY A 104 -11.65 3.55 1.23
C GLY A 104 -12.09 3.05 -0.14
N ALA A 105 -12.35 1.74 -0.26
CA ALA A 105 -12.86 1.22 -1.53
C ALA A 105 -14.27 1.70 -1.80
N GLU A 106 -15.06 1.91 -0.75
CA GLU A 106 -16.42 2.42 -0.89
C GLU A 106 -16.43 3.81 -1.51
N SER A 107 -15.50 4.67 -1.09
CA SER A 107 -15.47 6.05 -1.53
C SER A 107 -14.62 6.25 -2.79
N SER A 108 -14.23 5.17 -3.43
CA SER A 108 -13.46 5.24 -4.65
C SER A 108 -14.21 4.47 -5.72
N SER A 109 -14.22 5.01 -6.95
CA SER A 109 -14.76 4.28 -8.09
C SER A 109 -13.73 3.36 -8.71
N THR A 110 -12.52 3.36 -8.18
CA THR A 110 -11.48 2.44 -8.61
C THR A 110 -10.97 1.71 -7.39
N SER A 111 -9.95 0.88 -7.57
CA SER A 111 -9.36 0.21 -6.43
C SER A 111 -8.60 1.22 -5.57
N THR A 112 -8.21 0.79 -4.39
CA THR A 112 -7.46 1.69 -3.54
C THR A 112 -6.38 0.92 -2.79
N LEU A 113 -5.49 1.70 -2.16
CA LEU A 113 -4.47 1.16 -1.29
C LEU A 113 -4.52 1.96 0.01
N THR A 114 -4.50 1.25 1.12
CA THR A 114 -4.58 1.95 2.40
C THR A 114 -3.19 2.33 2.84
N GLU A 115 -3.16 3.32 3.75
CA GLU A 115 -1.97 3.56 4.55
C GLU A 115 -1.88 2.50 5.65
N PRO A 116 -0.68 2.31 6.20
CA PRO A 116 -0.49 1.24 7.18
C PRO A 116 -1.49 1.35 8.31
N TYR A 117 -1.87 0.20 8.84
CA TYR A 117 -2.80 0.11 9.96
C TYR A 117 -2.53 -1.21 10.63
N ILE A 118 -3.24 -1.47 11.73
CA ILE A 118 -3.01 -2.65 12.53
C ILE A 118 -3.97 -3.75 12.09
N ASP A 119 -3.40 -4.83 11.56
CA ASP A 119 -4.16 -6.00 11.13
C ASP A 119 -4.99 -6.56 12.28
N ALA A 120 -6.29 -6.73 12.03
CA ALA A 120 -7.17 -7.36 13.02
C ALA A 120 -6.93 -8.85 13.13
N ALA A 121 -6.40 -9.46 12.07
CA ALA A 121 -6.06 -10.88 12.12
C ALA A 121 -4.77 -11.09 12.92
N THR A 122 -3.64 -10.61 12.40
CA THR A 122 -2.32 -10.92 12.94
C THR A 122 -1.83 -9.93 13.99
N GLY A 123 -2.49 -8.79 14.16
CA GLY A 123 -1.91 -7.72 14.93
C GLY A 123 -0.67 -7.08 14.34
N GLN A 124 -0.19 -7.54 13.18
CA GLN A 124 0.93 -6.90 12.49
C GLN A 124 0.49 -5.61 11.81
N THR A 125 1.47 -4.76 11.51
CA THR A 125 1.20 -3.59 10.68
C THR A 125 1.17 -3.98 9.21
N ILE A 126 0.12 -3.54 8.50
CA ILE A 126 -0.14 -3.97 7.15
C ILE A 126 -0.65 -2.81 6.32
N ILE A 127 -0.60 -2.97 4.99
CA ILE A 127 -1.43 -2.18 4.11
C ILE A 127 -2.34 -3.15 3.37
N SER A 128 -3.38 -2.62 2.76
CA SER A 128 -4.36 -3.43 2.06
C SER A 128 -4.66 -2.82 0.70
N ILE A 129 -4.79 -3.68 -0.30
CA ILE A 129 -5.36 -3.30 -1.59
C ILE A 129 -6.81 -3.73 -1.60
N ALA A 130 -7.68 -2.82 -1.99
CA ALA A 130 -9.08 -3.17 -1.93
C ALA A 130 -9.83 -2.53 -3.10
N THR A 131 -10.90 -3.20 -3.54
CA THR A 131 -11.79 -2.56 -4.50
C THR A 131 -13.22 -3.02 -4.26
N ALA A 132 -14.15 -2.16 -4.63
CA ALA A 132 -15.55 -2.54 -4.50
C ALA A 132 -15.87 -3.58 -5.55
N ALA A 133 -16.58 -4.64 -5.17
CA ALA A 133 -17.06 -5.61 -6.15
C ALA A 133 -18.46 -5.23 -6.59
N LYS A 134 -18.68 -5.12 -7.90
CA LYS A 134 -19.91 -4.56 -8.43
C LYS A 134 -20.54 -5.57 -9.38
N LYS A 135 -21.84 -5.83 -9.20
CA LYS A 135 -22.58 -6.74 -10.09
C LYS A 135 -23.55 -5.88 -10.88
N ALA A 136 -23.11 -5.44 -12.05
CA ALA A 136 -23.91 -4.59 -12.93
C ALA A 136 -24.46 -3.39 -12.17
N GLY A 137 -23.53 -2.58 -11.66
CA GLY A 137 -23.87 -1.34 -10.99
C GLY A 137 -24.05 -1.47 -9.50
N GLN A 138 -24.63 -2.59 -9.06
CA GLN A 138 -24.86 -2.81 -7.64
C GLN A 138 -23.59 -3.31 -6.96
N SER A 139 -23.25 -2.69 -5.83
CA SER A 139 -22.13 -3.17 -5.02
C SER A 139 -22.53 -4.46 -4.32
N VAL A 140 -21.64 -5.45 -4.28
CA VAL A 140 -21.89 -6.66 -3.53
C VAL A 140 -20.92 -6.84 -2.37
N GLY A 141 -20.05 -5.87 -2.14
CA GLY A 141 -19.10 -5.96 -1.06
C GLY A 141 -17.78 -5.38 -1.48
N VAL A 142 -16.79 -5.50 -0.60
CA VAL A 142 -15.44 -5.03 -0.89
C VAL A 142 -14.50 -6.20 -0.70
N VAL A 143 -13.60 -6.39 -1.67
CA VAL A 143 -12.55 -7.38 -1.66
C VAL A 143 -11.25 -6.70 -1.27
N GLY A 144 -10.53 -7.29 -0.31
CA GLY A 144 -9.25 -6.76 0.07
C GLY A 144 -8.19 -7.81 0.13
N GLY A 145 -6.96 -7.35 -0.02
CA GLY A 145 -5.80 -8.18 0.21
C GLY A 145 -4.77 -7.45 1.03
N ASP A 146 -4.08 -8.20 1.85
CA ASP A 146 -3.17 -7.66 2.83
C ASP A 146 -1.71 -7.94 2.47
N LEU A 147 -0.87 -6.90 2.60
CA LEU A 147 0.57 -7.03 2.56
C LEU A 147 1.16 -6.42 3.81
N SER A 148 2.17 -7.10 4.36
CA SER A 148 2.75 -6.66 5.61
C SER A 148 3.69 -5.49 5.35
N LEU A 149 3.85 -4.67 6.39
CA LEU A 149 4.82 -3.59 6.33
C LEU A 149 6.21 -4.15 6.02
N GLN A 150 6.53 -5.30 6.61
CA GLN A 150 7.86 -5.86 6.39
C GLN A 150 8.06 -6.25 4.94
N THR A 151 6.99 -6.73 4.31
CA THR A 151 7.04 -7.02 2.89
C THR A 151 7.34 -5.76 2.10
N LEU A 152 6.71 -4.65 2.48
CA LEU A 152 6.91 -3.43 1.72
C LEU A 152 8.31 -2.86 1.92
N ILE A 153 8.85 -2.98 3.13
CA ILE A 153 10.22 -2.55 3.38
C ILE A 153 11.18 -3.39 2.55
N ASN A 154 10.98 -4.70 2.53
CA ASN A 154 11.85 -5.58 1.76
C ASN A 154 11.75 -5.29 0.27
N THR A 155 10.54 -5.05 -0.22
CA THR A 155 10.35 -4.73 -1.63
C THR A 155 11.01 -3.40 -1.99
N LEU A 156 10.98 -2.42 -1.08
CA LEU A 156 11.71 -1.18 -1.36
C LEU A 156 13.20 -1.39 -1.28
N SER A 157 13.67 -1.98 -0.18
CA SER A 157 15.11 -2.12 0.03
C SER A 157 15.74 -3.03 -1.00
N ALA A 158 14.94 -3.89 -1.64
CA ALA A 158 15.42 -4.60 -2.82
C ALA A 158 15.53 -3.66 -4.00
N ARG A 159 14.71 -2.61 -4.05
CA ARG A 159 14.79 -1.68 -5.17
C ARG A 159 15.87 -0.66 -4.84
N ASP A 160 17.10 -0.98 -5.24
CA ASP A 160 18.29 -0.19 -4.95
C ASP A 160 18.45 0.09 -3.47
N GLY A 163 21.75 3.56 -4.67
CA GLY A 163 23.18 3.29 -4.56
C GLY A 163 23.85 3.73 -3.27
N MET A 164 23.28 4.74 -2.61
CA MET A 164 23.99 5.49 -1.55
C MET A 164 23.24 5.57 -0.21
N GLY A 165 21.91 5.63 -0.24
CA GLY A 165 21.14 5.70 0.98
C GLY A 165 19.97 4.74 1.01
N TYR A 166 18.77 5.20 1.38
CA TYR A 166 17.61 4.33 1.40
C TYR A 166 16.46 4.99 0.66
N ALA A 167 15.54 4.16 0.19
CA ALA A 167 14.24 4.61 -0.26
C ALA A 167 13.22 4.44 0.86
N PHE A 168 12.30 5.39 0.95
CA PHE A 168 11.12 5.28 1.79
C PHE A 168 9.95 5.78 0.96
N LEU A 169 8.76 5.55 1.48
CA LEU A 169 7.53 5.86 0.78
C LEU A 169 6.73 6.81 1.64
N VAL A 170 6.21 7.88 1.05
CA VAL A 170 5.50 8.91 1.79
C VAL A 170 4.33 9.36 0.94
N SER A 171 3.21 9.64 1.59
CA SER A 171 2.07 10.18 0.87
C SER A 171 2.30 11.64 0.51
N ALA A 172 1.47 12.14 -0.41
CA ALA A 172 1.62 13.54 -0.82
C ALA A 172 1.44 14.48 0.36
N ASP A 173 0.57 14.13 1.30
CA ASP A 173 0.33 14.97 2.47
C ASP A 173 1.41 14.83 3.56
N GLY A 174 2.50 14.13 3.28
CA GLY A 174 3.64 14.09 4.16
C GLY A 174 3.67 12.97 5.18
N LYS A 175 2.78 12.01 5.08
CA LYS A 175 2.75 10.92 6.05
C LYS A 175 3.69 9.82 5.58
N ILE A 176 4.65 9.45 6.44
CA ILE A 176 5.61 8.43 6.05
C ILE A 176 4.92 7.09 6.15
N LEU A 177 4.90 6.35 5.04
CA LEU A 177 4.15 5.11 4.96
C LEU A 177 5.05 3.90 5.17
N VAL A 178 6.20 3.85 4.51
CA VAL A 178 7.11 2.73 4.67
C VAL A 178 8.50 3.32 4.83
N HIS A 179 9.23 2.87 5.85
CA HIS A 179 10.54 3.45 6.08
C HIS A 179 11.35 2.31 6.69
N PRO A 180 12.61 2.15 6.33
CA PRO A 180 13.38 1.08 6.98
C PRO A 180 13.55 1.30 8.48
N ASP A 181 13.42 2.53 8.97
CA ASP A 181 13.29 2.80 10.40
C ASP A 181 11.80 2.76 10.73
N LYS A 182 11.36 1.62 11.26
CA LYS A 182 9.93 1.39 11.49
C LYS A 182 9.34 2.36 12.50
N ALA A 183 10.17 2.95 13.39
CA ALA A 183 9.67 3.97 14.29
C ALA A 183 9.12 5.18 13.55
N LEU A 184 9.51 5.37 12.29
CA LEU A 184 9.06 6.55 11.57
C LEU A 184 7.78 6.29 10.78
N VAL A 185 7.30 5.05 10.75
CA VAL A 185 6.08 4.71 10.01
C VAL A 185 4.87 5.41 10.61
N MET A 186 4.09 6.08 9.77
CA MET A 186 2.90 6.85 10.07
C MET A 186 3.19 8.07 10.95
N LYS A 187 4.45 8.46 11.12
CA LYS A 187 4.83 9.82 11.46
C LYS A 187 4.78 10.72 10.23
N SER A 188 4.36 11.96 10.42
CA SER A 188 4.51 12.95 9.35
C SER A 188 5.98 13.32 9.20
N LEU A 189 6.29 13.97 8.08
CA LEU A 189 7.66 14.41 7.84
C LEU A 189 8.12 15.36 8.94
N LYS A 190 7.24 16.27 9.37
CA LYS A 190 7.62 17.19 10.44
C LYS A 190 7.87 16.45 11.74
N GLU A 191 6.98 15.51 12.08
CA GLU A 191 7.15 14.76 13.32
C GLU A 191 8.37 13.85 13.25
N ALA A 192 8.66 13.31 12.08
CA ALA A 192 9.86 12.48 11.97
C ALA A 192 11.12 13.33 11.93
N TYR A 193 11.05 14.54 11.39
CA TYR A 193 12.23 15.37 11.11
C TYR A 193 12.01 16.79 11.62
N PRO A 194 11.96 16.97 12.94
CA PRO A 194 11.52 18.26 13.48
C PRO A 194 12.46 19.41 13.15
N GLN A 195 13.76 19.12 13.18
CA GLN A 195 14.77 20.09 12.79
C GLN A 195 14.91 20.05 11.28
N ASP A 196 14.57 21.16 10.61
CA ASP A 196 14.64 21.26 9.15
C ASP A 196 13.81 20.15 8.52
N THR A 197 12.53 20.39 8.36
CA THR A 197 11.65 19.35 7.83
C THR A 197 11.75 19.34 6.31
N PRO A 198 11.97 18.19 5.69
CA PRO A 198 11.91 18.14 4.23
C PRO A 198 10.48 18.36 3.77
N ARG A 199 10.35 18.98 2.62
CA ARG A 199 9.04 19.25 2.03
C ARG A 199 8.91 18.48 0.72
N ILE A 200 7.77 17.79 0.53
CA ILE A 200 7.46 17.19 -0.77
C ILE A 200 7.36 18.28 -1.82
N SER A 201 6.89 19.47 -1.42
CA SER A 201 6.64 20.57 -2.34
C SER A 201 7.85 20.82 -3.24
N SER A 202 9.07 20.64 -2.72
CA SER A 202 10.28 20.71 -3.51
C SER A 202 10.87 19.31 -3.69
N ASP A 203 11.78 19.17 -4.64
CA ASP A 203 12.38 17.85 -4.82
C ASP A 203 13.86 17.84 -4.46
N PHE A 204 14.28 18.70 -3.53
CA PHE A 204 15.48 18.47 -2.77
C PHE A 204 15.34 19.12 -1.40
N SER A 205 15.94 18.48 -0.40
CA SER A 205 15.81 18.88 0.99
C SER A 205 17.10 18.62 1.73
N GLU A 206 17.50 19.60 2.55
CA GLU A 206 18.55 19.47 3.55
C GLU A 206 18.16 18.47 4.64
N ARG A 214 22.07 13.86 5.72
CA ARG A 214 21.29 13.20 4.68
C ARG A 214 20.64 14.23 3.75
N ILE A 215 20.66 13.98 2.43
CA ILE A 215 19.91 14.79 1.48
C ILE A 215 18.78 13.94 0.90
N VAL A 216 17.60 14.56 0.74
CA VAL A 216 16.37 13.85 0.49
C VAL A 216 15.66 14.47 -0.69
N ASN A 217 15.24 13.65 -1.65
CA ASN A 217 14.38 14.14 -2.71
C ASN A 217 13.17 13.23 -2.86
N PHE A 218 12.14 13.78 -3.48
CA PHE A 218 10.86 13.12 -3.58
C PHE A 218 10.52 12.97 -5.05
N THR A 219 10.06 11.79 -5.42
CA THR A 219 9.70 11.48 -6.79
C THR A 219 8.29 10.91 -6.75
N PRO A 220 7.34 11.49 -7.47
CA PRO A 220 5.98 10.97 -7.43
C PRO A 220 5.91 9.61 -8.09
N ILE A 221 5.11 8.73 -7.52
CA ILE A 221 4.79 7.45 -8.13
C ILE A 221 3.59 7.66 -9.03
N LYS A 222 3.74 7.33 -10.30
CA LYS A 222 2.71 7.56 -11.30
C LYS A 222 1.87 6.31 -11.42
N GLY A 223 0.58 6.49 -11.73
CA GLY A 223 -0.23 5.35 -12.11
C GLY A 223 -0.64 4.45 -10.97
N LEU A 224 -0.64 4.93 -9.86
CA LEU A 224 -1.38 4.09 -8.93
C LEU A 224 -2.82 4.55 -8.90
N PRO A 225 -3.76 3.63 -8.67
CA PRO A 225 -5.14 4.05 -8.44
C PRO A 225 -5.29 4.76 -7.10
N SER A 226 -6.07 5.85 -7.12
CA SER A 226 -6.65 6.51 -5.96
C SER A 226 -5.70 7.23 -5.00
N VAL A 227 -4.39 7.02 -5.08
CA VAL A 227 -3.48 7.59 -4.09
C VAL A 227 -2.43 8.45 -4.77
N ASN A 228 -1.87 9.41 -4.02
CA ASN A 228 -0.76 10.22 -4.51
C ASN A 228 0.42 10.01 -3.57
N TRP A 229 1.33 9.13 -3.96
CA TRP A 229 2.44 8.71 -3.12
C TRP A 229 3.77 9.09 -3.75
N TYR A 230 4.79 9.23 -2.91
CA TYR A 230 6.11 9.62 -3.38
C TYR A 230 7.14 8.61 -2.91
N ILE A 231 8.16 8.42 -3.73
CA ILE A 231 9.39 7.80 -3.27
C ILE A 231 10.27 8.91 -2.72
N GLY A 232 10.70 8.77 -1.47
CA GLY A 232 11.74 9.61 -0.93
C GLY A 232 13.06 8.85 -1.05
N LEU A 233 14.06 9.53 -1.58
CA LEU A 233 15.42 9.00 -1.61
C LEU A 233 16.25 9.76 -0.59
N SER A 234 16.81 9.04 0.38
CA SER A 234 17.58 9.62 1.47
C SER A 234 19.00 9.05 1.41
N VAL A 235 20.00 9.93 1.26
CA VAL A 235 21.39 9.49 1.11
C VAL A 235 22.28 10.27 2.06
N ASP A 236 23.25 9.59 2.66
CA ASP A 236 24.34 10.22 3.40
C ASP A 236 25.06 11.23 2.52
N LYS A 237 24.99 12.52 2.85
CA LYS A 237 25.32 13.57 1.90
C LYS A 237 26.79 13.54 1.50
N ASP A 238 27.70 13.63 2.47
CA ASP A 238 29.10 13.81 2.10
C ASP A 238 29.68 12.53 1.51
N LYS A 239 29.15 11.37 1.88
CA LYS A 239 29.56 10.12 1.24
C LYS A 239 29.21 10.10 -0.24
N ALA A 240 28.32 10.99 -0.70
CA ALA A 240 27.75 10.89 -2.04
C ALA A 240 28.67 11.56 -3.05
N PHE A 241 28.89 10.89 -4.17
CA PHE A 241 29.80 11.38 -5.22
C PHE A 241 29.15 11.43 -6.60
N PRO B . -7.03 -7.63 7.60
CA PRO B . -8.12 -6.68 7.33
C PRO B . -8.36 -5.79 8.55
O PRO B . -9.33 -5.03 8.59
CB PRO B . -9.31 -7.58 7.07
CG PRO B . -9.02 -8.75 7.91
CD PRO B . -7.56 -8.98 7.84
OXT PRO B . -7.55 -5.83 9.46
CL CL C . -16.05 -19.29 5.90
CL CL D . 7.01 -10.09 -7.11
#